data_1KSN
#
_entry.id   1KSN
#
_cell.length_a   55.810
_cell.length_b   71.600
_cell.length_c   79.030
_cell.angle_alpha   90.00
_cell.angle_beta   90.00
_cell.angle_gamma   90.00
#
_symmetry.space_group_name_H-M   'P 21 21 21'
#
loop_
_entity.id
_entity.type
_entity.pdbx_description
1 polymer 'COAGULATION FACTOR XA'
2 polymer 'COAGULATION FACTOR XA'
3 non-polymer 'CALCIUM ION'
4 non-polymer "METHYL-3-(4'-N-OXOPYRIDYLPHENOYL)-3-METHYL-2-(M-AMIDINOBENZYL)-PROPIONATE"
5 water water
#
loop_
_entity_poly.entity_id
_entity_poly.type
_entity_poly.pdbx_seq_one_letter_code
_entity_poly.pdbx_strand_id
1 'polypeptide(L)'
;IVGGQECKDGECPWQALLINEENEGFCGGTILSEFYILTAAHCLYQAKRFKVRVGDRNTEQEEGGEAVHEVEVVIKHNRF
TKETYDFDIAVLRLKTPITFRMNVAPACLPERDWAESTLMTQKTGIVSGFGRTHEKGRQSTRLKMLEVPYVDRNSCKLSS
SFIITQNMFCAGYDTKQEDACQGDSGGPHVTRFKDTYFVTGIVSWGEGCARKGKYGIYTKVTAFLKWIDRSMKTRGLPKA
KSHAPEVITSSPLK
;
A
2 'polypeptide(L)'
;EEMKKGHLERECMEETCSYEEAREVFEDSDKTNEFWNKYKDGDQCETSPCQNQGKCKDGLGEYTCTCLEGFEGKNCELFT
RKLCSLDNGDCDQFCHEEQNSVVCSCARGYTLADNGKACIPTGPYPCGKQTLER
;
B
#
loop_
_chem_comp.id
_chem_comp.type
_chem_comp.name
_chem_comp.formula
CA non-polymer 'CALCIUM ION' 'Ca 2'
FXV non-polymer METHYL-3-(4'-N-OXOPYRIDYLPHENOYL)-3-METHYL-2-(M-AMIDINOBENZYL)-PROPIONATE 'C25 H27 N4 O4 1'
#
# COMPACT_ATOMS: atom_id res chain seq x y z
N ILE A 1 4.79 6.97 11.30
CA ILE A 1 3.37 7.44 11.39
C ILE A 1 3.18 8.38 12.56
N VAL A 2 2.55 9.52 12.27
CA VAL A 2 2.24 10.53 13.29
C VAL A 2 0.79 10.25 13.69
N GLY A 3 0.55 10.09 14.99
CA GLY A 3 -0.79 9.78 15.44
C GLY A 3 -1.11 8.33 15.12
N GLY A 4 -2.32 8.08 14.65
CA GLY A 4 -2.71 6.73 14.32
C GLY A 4 -2.54 5.76 15.48
N GLN A 5 -2.90 4.50 15.25
CA GLN A 5 -2.78 3.47 16.27
C GLN A 5 -1.77 2.41 15.85
N GLU A 6 -1.40 1.56 16.81
CA GLU A 6 -0.46 0.48 16.58
C GLU A 6 -1.16 -0.61 15.78
N CYS A 7 -0.45 -1.23 14.83
CA CYS A 7 -1.05 -2.32 14.07
C CYS A 7 -1.09 -3.47 15.07
N LYS A 8 -2.28 -4.01 15.32
CA LYS A 8 -2.43 -5.11 16.25
C LYS A 8 -2.09 -6.40 15.49
N ASP A 9 -2.15 -7.53 16.19
CA ASP A 9 -1.82 -8.83 15.60
C ASP A 9 -2.56 -9.23 14.33
N GLY A 10 -1.79 -9.47 13.27
CA GLY A 10 -2.36 -9.88 11.99
C GLY A 10 -3.16 -8.83 11.26
N GLU A 11 -3.13 -7.61 11.79
CA GLU A 11 -3.86 -6.46 11.24
C GLU A 11 -3.27 -5.87 9.95
N CYS A 12 -1.95 -5.77 9.87
CA CYS A 12 -1.30 -5.22 8.69
C CYS A 12 -0.27 -6.23 8.18
N PRO A 13 -0.73 -7.41 7.72
CA PRO A 13 0.12 -8.49 7.22
C PRO A 13 0.89 -8.24 5.93
N TRP A 14 0.44 -7.27 5.15
CA TRP A 14 1.09 -6.95 3.87
C TRP A 14 2.24 -5.97 4.01
N GLN A 15 2.47 -5.49 5.22
CA GLN A 15 3.56 -4.56 5.43
C GLN A 15 4.88 -5.28 5.31
N ALA A 16 5.80 -4.69 4.56
CA ALA A 16 7.14 -5.23 4.39
C ALA A 16 8.04 -4.12 4.88
N LEU A 17 9.30 -4.42 5.16
CA LEU A 17 10.21 -3.40 5.65
C LEU A 17 11.61 -3.54 5.06
N LEU A 18 12.04 -2.51 4.34
CA LEU A 18 13.35 -2.50 3.72
C LEU A 18 14.38 -2.18 4.79
N ILE A 19 15.35 -3.07 4.94
CA ILE A 19 16.39 -2.88 5.93
C ILE A 19 17.76 -2.78 5.27
N ASN A 20 18.63 -1.97 5.85
CA ASN A 20 19.97 -1.76 5.32
C ASN A 20 20.95 -2.78 5.89
N GLU A 21 22.18 -2.78 5.37
CA GLU A 21 23.22 -3.70 5.81
C GLU A 21 23.42 -3.68 7.33
N GLU A 22 23.02 -2.59 7.97
CA GLU A 22 23.15 -2.46 9.43
C GLU A 22 21.88 -2.86 10.18
N ASN A 23 20.96 -3.55 9.49
CA ASN A 23 19.71 -4.02 10.09
C ASN A 23 18.72 -2.94 10.52
N GLU A 24 18.86 -1.74 9.98
CA GLU A 24 17.94 -0.65 10.32
C GLU A 24 16.94 -0.46 9.20
N GLY A 25 15.65 -0.48 9.53
CA GLY A 25 14.62 -0.28 8.52
C GLY A 25 14.64 1.15 8.04
N PHE A 26 14.65 1.36 6.73
CA PHE A 26 14.69 2.72 6.21
C PHE A 26 13.51 3.07 5.32
N CYS A 27 12.80 2.07 4.86
CA CYS A 27 11.63 2.32 4.02
C CYS A 27 10.67 1.15 4.21
N GLY A 28 9.45 1.30 3.69
CA GLY A 28 8.46 0.24 3.82
C GLY A 28 8.14 -0.40 2.49
N GLY A 29 7.14 -1.28 2.46
CA GLY A 29 6.78 -1.93 1.23
C GLY A 29 5.50 -2.69 1.42
N THR A 30 4.93 -3.20 0.33
CA THR A 30 3.68 -3.94 0.40
C THR A 30 3.84 -5.28 -0.26
N ILE A 31 3.52 -6.33 0.48
CA ILE A 31 3.63 -7.66 -0.09
C ILE A 31 2.54 -7.75 -1.14
N LEU A 32 2.96 -8.05 -2.37
CA LEU A 32 2.06 -8.19 -3.51
C LEU A 32 1.81 -9.65 -3.84
N SER A 33 2.83 -10.49 -3.62
CA SER A 33 2.76 -11.93 -3.88
C SER A 33 3.88 -12.63 -3.11
N GLU A 34 3.97 -13.96 -3.22
CA GLU A 34 5.03 -14.65 -2.51
C GLU A 34 6.41 -14.17 -2.97
N PHE A 35 6.49 -13.67 -4.20
CA PHE A 35 7.75 -13.21 -4.75
C PHE A 35 7.93 -11.72 -4.93
N TYR A 36 6.83 -10.96 -4.94
CA TYR A 36 6.91 -9.50 -5.19
C TYR A 36 6.56 -8.49 -4.10
N ILE A 37 7.45 -7.50 -3.93
CA ILE A 37 7.27 -6.42 -2.97
C ILE A 37 7.14 -5.08 -3.71
N LEU A 38 6.06 -4.33 -3.45
CA LEU A 38 5.84 -3.04 -4.09
C LEU A 38 6.38 -1.95 -3.16
N THR A 39 7.19 -1.04 -3.70
CA THR A 39 7.75 0.04 -2.87
C THR A 39 7.93 1.35 -3.66
N ALA A 40 8.59 2.33 -3.03
CA ALA A 40 8.82 3.62 -3.68
C ALA A 40 10.19 3.65 -4.34
N ALA A 41 10.24 4.11 -5.59
CA ALA A 41 11.49 4.19 -6.34
C ALA A 41 12.53 5.03 -5.61
N HIS A 42 12.09 6.10 -4.96
CA HIS A 42 13.03 6.96 -4.25
C HIS A 42 13.71 6.24 -3.11
N CYS A 43 13.15 5.12 -2.66
CA CYS A 43 13.75 4.34 -1.58
C CYS A 43 15.00 3.58 -2.04
N LEU A 44 14.98 3.07 -3.28
CA LEU A 44 16.12 2.34 -3.81
C LEU A 44 17.33 3.26 -3.91
N TYR A 45 17.31 4.35 -3.17
CA TYR A 45 18.41 5.29 -3.19
C TYR A 45 18.92 5.50 -1.77
N GLN A 46 18.11 5.10 -0.80
CA GLN A 46 18.41 5.26 0.62
C GLN A 46 19.36 4.25 1.27
N ALA A 47 19.91 3.34 0.48
CA ALA A 47 20.84 2.34 1.02
C ALA A 47 21.70 1.68 -0.06
N LYS A 48 22.96 1.41 0.28
CA LYS A 48 23.89 0.77 -0.65
C LYS A 48 23.36 -0.65 -0.93
N ARG A 49 23.22 -1.43 0.14
CA ARG A 49 22.71 -2.79 0.03
C ARG A 49 21.53 -2.89 1.00
N PHE A 50 20.45 -3.51 0.55
CA PHE A 50 19.25 -3.69 1.40
C PHE A 50 18.51 -5.00 1.15
N LYS A 51 17.69 -5.36 2.15
CA LYS A 51 16.90 -6.58 2.11
C LYS A 51 15.48 -6.25 2.53
N VAL A 52 14.60 -7.24 2.44
CA VAL A 52 13.19 -7.09 2.82
C VAL A 52 12.81 -7.97 4.01
N ARG A 53 12.17 -7.36 5.00
CA ARG A 53 11.72 -8.10 6.19
C ARG A 53 10.20 -8.04 6.29
N VAL A 54 9.57 -9.21 6.38
CA VAL A 54 8.12 -9.29 6.49
C VAL A 54 7.72 -9.94 7.82
N GLY A 55 6.50 -9.68 8.26
CA GLY A 55 6.02 -10.26 9.51
C GLY A 55 6.49 -9.57 10.79
N ASP A 56 7.20 -8.46 10.65
CA ASP A 56 7.70 -7.73 11.80
C ASP A 56 6.72 -6.69 12.30
N ARG A 57 6.56 -6.63 13.63
CA ARG A 57 5.65 -5.67 14.25
C ARG A 57 6.35 -4.85 15.32
N ASN A 58 7.47 -5.36 15.82
CA ASN A 58 8.25 -4.69 16.87
C ASN A 58 9.72 -4.97 16.62
N THR A 59 10.44 -3.97 16.14
CA THR A 59 11.86 -4.09 15.86
C THR A 59 12.71 -4.20 17.12
N GLU A 60 12.21 -4.90 18.14
CA GLU A 60 12.96 -5.02 19.38
C GLU A 60 12.85 -6.37 20.04
N GLN A 61 12.16 -7.30 19.39
CA GLN A 61 11.99 -8.64 19.94
C GLN A 61 11.73 -9.58 18.77
N GLU A 62 12.51 -10.65 18.68
CA GLU A 62 12.31 -11.61 17.61
C GLU A 62 11.13 -12.52 17.99
N GLU A 63 9.92 -12.06 17.67
CA GLU A 63 8.70 -12.80 17.98
C GLU A 63 8.75 -14.20 17.38
N GLY A 64 9.02 -14.25 16.09
CA GLY A 64 9.11 -15.54 15.44
C GLY A 64 8.41 -15.60 14.09
N GLY A 65 7.48 -14.69 13.85
CA GLY A 65 6.78 -14.69 12.57
C GLY A 65 7.57 -14.02 11.47
N GLU A 66 8.59 -13.26 11.87
CA GLU A 66 9.41 -12.53 10.92
C GLU A 66 10.13 -13.41 9.89
N ALA A 67 10.65 -12.76 8.85
CA ALA A 67 11.37 -13.43 7.77
C ALA A 67 12.09 -12.38 6.94
N VAL A 68 13.40 -12.49 6.85
CA VAL A 68 14.19 -11.56 6.06
C VAL A 68 14.36 -12.19 4.69
N HIS A 69 14.15 -11.40 3.65
CA HIS A 69 14.28 -11.92 2.30
C HIS A 69 15.21 -11.07 1.46
N GLU A 70 15.99 -11.75 0.63
CA GLU A 70 16.94 -11.09 -0.24
C GLU A 70 16.27 -10.74 -1.56
N VAL A 71 16.64 -9.59 -2.10
CA VAL A 71 16.07 -9.15 -3.37
C VAL A 71 16.92 -9.68 -4.50
N GLU A 72 16.26 -10.30 -5.47
CA GLU A 72 16.93 -10.84 -6.63
C GLU A 72 16.93 -9.80 -7.75
N VAL A 73 15.76 -9.21 -7.98
CA VAL A 73 15.59 -8.20 -9.00
C VAL A 73 14.85 -6.99 -8.45
N VAL A 74 15.31 -5.79 -8.79
CA VAL A 74 14.61 -4.59 -8.36
C VAL A 74 14.22 -3.94 -9.68
N ILE A 75 12.91 -3.74 -9.85
CA ILE A 75 12.34 -3.14 -11.06
C ILE A 75 11.83 -1.72 -10.79
N LYS A 76 12.66 -0.72 -11.12
CA LYS A 76 12.33 0.68 -10.90
C LYS A 76 11.63 1.26 -12.12
N HIS A 77 10.76 2.25 -11.92
CA HIS A 77 10.08 2.84 -13.06
C HIS A 77 11.08 3.63 -13.89
N ASN A 78 11.16 3.29 -15.18
CA ASN A 78 12.06 3.94 -16.11
C ASN A 78 11.95 5.45 -16.04
N ARG A 79 10.71 5.95 -15.96
CA ARG A 79 10.46 7.38 -15.92
C ARG A 79 10.49 8.04 -14.53
N PHE A 80 11.11 7.39 -13.54
CA PHE A 80 11.16 7.97 -12.21
C PHE A 80 12.09 9.19 -12.17
N THR A 81 11.59 10.30 -11.62
CA THR A 81 12.38 11.52 -11.53
C THR A 81 12.59 11.93 -10.07
N LYS A 82 13.85 11.93 -9.65
CA LYS A 82 14.22 12.26 -8.28
C LYS A 82 13.91 13.68 -7.84
N GLU A 83 13.92 14.61 -8.79
CA GLU A 83 13.65 16.01 -8.46
C GLU A 83 12.21 16.28 -8.09
N THR A 84 11.28 15.70 -8.85
CA THR A 84 9.85 15.90 -8.63
C THR A 84 9.15 14.75 -7.90
N TYR A 85 9.83 13.61 -7.79
CA TYR A 85 9.29 12.42 -7.15
C TYR A 85 8.18 11.86 -8.01
N ASP A 86 8.18 12.22 -9.28
CA ASP A 86 7.16 11.70 -10.17
C ASP A 86 7.55 10.28 -10.53
N PHE A 87 6.55 9.43 -10.76
CA PHE A 87 6.77 8.03 -11.09
C PHE A 87 7.53 7.33 -9.94
N ASP A 88 7.06 7.53 -8.71
CA ASP A 88 7.69 6.96 -7.52
C ASP A 88 7.10 5.59 -7.20
N ILE A 89 7.52 4.61 -7.99
CA ILE A 89 7.05 3.24 -7.84
C ILE A 89 8.19 2.30 -8.24
N ALA A 90 8.23 1.14 -7.58
CA ALA A 90 9.23 0.13 -7.86
C ALA A 90 8.74 -1.23 -7.37
N VAL A 91 9.26 -2.27 -8.00
CA VAL A 91 8.89 -3.63 -7.64
C VAL A 91 10.17 -4.40 -7.33
N LEU A 92 10.16 -5.20 -6.26
CA LEU A 92 11.30 -6.00 -5.86
C LEU A 92 11.00 -7.49 -5.94
N ARG A 93 11.78 -8.23 -6.71
CA ARG A 93 11.58 -9.67 -6.78
C ARG A 93 12.55 -10.29 -5.81
N LEU A 94 12.00 -11.07 -4.89
CA LEU A 94 12.80 -11.71 -3.87
C LEU A 94 13.40 -13.03 -4.33
N LYS A 95 14.61 -13.32 -3.85
CA LYS A 95 15.28 -14.55 -4.20
C LYS A 95 14.43 -15.75 -3.79
N THR A 96 13.99 -15.78 -2.55
CA THR A 96 13.17 -16.89 -2.07
C THR A 96 11.73 -16.45 -1.79
N PRO A 97 10.75 -17.33 -2.05
CA PRO A 97 9.34 -17.01 -1.83
C PRO A 97 8.95 -16.73 -0.40
N ILE A 98 7.93 -15.89 -0.24
CA ILE A 98 7.41 -15.53 1.08
C ILE A 98 6.37 -16.58 1.52
N THR A 99 6.54 -17.10 2.73
CA THR A 99 5.60 -18.09 3.25
C THR A 99 4.56 -17.32 4.03
N PHE A 100 3.32 -17.33 3.53
CA PHE A 100 2.21 -16.63 4.16
C PHE A 100 1.82 -17.32 5.47
N ARG A 101 1.77 -16.53 6.53
CA ARG A 101 1.44 -17.02 7.87
C ARG A 101 0.79 -15.86 8.61
N MET A 102 0.71 -15.99 9.92
CA MET A 102 0.14 -14.94 10.74
C MET A 102 1.06 -13.73 10.56
N ASN A 103 0.48 -12.56 10.28
CA ASN A 103 1.21 -11.32 10.08
C ASN A 103 2.00 -11.28 8.77
N VAL A 104 1.67 -12.19 7.85
CA VAL A 104 2.34 -12.24 6.57
C VAL A 104 1.34 -12.74 5.55
N ALA A 105 0.82 -11.81 4.74
CA ALA A 105 -0.15 -12.13 3.70
C ALA A 105 -0.07 -10.96 2.72
N PRO A 106 -0.46 -11.19 1.46
CA PRO A 106 -0.39 -10.10 0.48
C PRO A 106 -1.64 -9.23 0.45
N ALA A 107 -1.48 -8.04 -0.11
CA ALA A 107 -2.58 -7.10 -0.26
C ALA A 107 -3.09 -7.32 -1.69
N CYS A 108 -4.37 -7.10 -1.93
CA CYS A 108 -4.91 -7.30 -3.27
C CYS A 108 -4.61 -6.12 -4.17
N LEU A 109 -4.34 -6.43 -5.43
CA LEU A 109 -4.10 -5.39 -6.43
C LEU A 109 -5.48 -5.25 -7.05
N PRO A 110 -6.02 -4.02 -7.08
CA PRO A 110 -7.34 -3.82 -7.68
C PRO A 110 -7.26 -3.60 -9.18
N GLU A 111 -8.42 -3.47 -9.81
CA GLU A 111 -8.48 -3.20 -11.24
C GLU A 111 -8.63 -1.70 -11.27
N ARG A 112 -7.98 -1.05 -12.25
CA ARG A 112 -8.00 0.41 -12.35
C ARG A 112 -9.34 1.11 -12.29
N ASP A 113 -10.21 0.85 -13.25
CA ASP A 113 -11.51 1.53 -13.27
C ASP A 113 -12.28 1.36 -11.96
N TRP A 114 -12.46 0.12 -11.52
CA TRP A 114 -13.18 -0.15 -10.28
C TRP A 114 -12.55 0.58 -9.09
N ALA A 115 -11.23 0.50 -8.99
CA ALA A 115 -10.47 1.15 -7.92
C ALA A 115 -10.70 2.67 -7.82
N GLU A 116 -10.44 3.40 -8.91
CA GLU A 116 -10.60 4.85 -8.94
C GLU A 116 -12.04 5.32 -8.72
N SER A 117 -13.01 4.60 -9.27
CA SER A 117 -14.40 5.01 -9.10
C SER A 117 -15.10 4.49 -7.85
N THR A 118 -14.73 3.30 -7.38
CA THR A 118 -15.36 2.70 -6.19
C THR A 118 -14.47 2.69 -4.93
N LEU A 119 -13.18 2.46 -5.11
CA LEU A 119 -12.26 2.40 -3.99
C LEU A 119 -11.76 3.77 -3.53
N MET A 120 -11.24 4.56 -4.48
CA MET A 120 -10.70 5.88 -4.16
C MET A 120 -11.72 6.96 -3.89
N THR A 121 -13.00 6.59 -3.94
CA THR A 121 -14.06 7.55 -3.67
C THR A 121 -14.60 7.28 -2.28
N GLN A 122 -13.97 6.34 -1.59
CA GLN A 122 -14.35 5.98 -0.23
C GLN A 122 -13.88 7.11 0.69
N LYS A 123 -14.35 7.14 1.92
CA LYS A 123 -13.96 8.20 2.83
C LYS A 123 -12.48 8.13 3.17
N THR A 124 -11.99 6.93 3.47
CA THR A 124 -10.61 6.75 3.86
C THR A 124 -9.83 5.58 3.26
N GLY A 125 -8.55 5.56 3.61
CA GLY A 125 -7.63 4.51 3.21
C GLY A 125 -6.83 4.28 4.47
N ILE A 126 -5.93 3.30 4.47
CA ILE A 126 -5.13 3.06 5.67
C ILE A 126 -3.67 3.13 5.33
N VAL A 127 -2.90 3.82 6.16
CA VAL A 127 -1.46 3.94 5.94
C VAL A 127 -0.71 3.39 7.15
N SER A 128 0.34 2.60 6.89
CA SER A 128 1.13 2.00 7.96
C SER A 128 2.65 2.08 7.75
N GLY A 129 3.40 1.67 8.77
CA GLY A 129 4.84 1.70 8.68
C GLY A 129 5.57 1.96 9.99
N PHE A 130 6.89 1.85 9.95
CA PHE A 130 7.72 2.08 11.13
C PHE A 130 8.38 3.46 11.09
N GLY A 131 7.88 4.34 10.23
CA GLY A 131 8.46 5.68 10.11
C GLY A 131 8.37 6.50 11.38
N ARG A 132 8.95 7.69 11.36
CA ARG A 132 8.93 8.56 12.51
C ARG A 132 7.54 8.78 13.08
N THR A 133 7.48 9.09 14.36
CA THR A 133 6.23 9.32 15.06
C THR A 133 5.92 10.81 15.17
N HIS A 134 6.96 11.61 14.99
CA HIS A 134 6.86 13.06 15.05
C HIS A 134 7.78 13.59 13.95
N GLU A 135 7.36 14.65 13.27
CA GLU A 135 8.16 15.22 12.19
C GLU A 135 9.63 15.37 12.54
N LYS A 136 9.94 15.56 13.81
CA LYS A 136 11.32 15.73 14.24
C LYS A 136 11.82 14.60 15.14
N GLY A 137 11.05 13.51 15.22
CA GLY A 137 11.43 12.39 16.08
C GLY A 137 12.08 11.19 15.41
N ARG A 138 12.70 10.34 16.22
CA ARG A 138 13.37 9.14 15.75
C ARG A 138 12.33 8.20 15.13
N GLN A 139 12.79 7.20 14.39
CA GLN A 139 11.89 6.24 13.76
C GLN A 139 11.17 5.40 14.81
N SER A 140 10.14 4.66 14.40
CA SER A 140 9.35 3.84 15.32
C SER A 140 9.78 2.36 15.39
N THR A 141 9.69 1.77 16.58
CA THR A 141 10.05 0.37 16.78
C THR A 141 8.79 -0.48 16.62
N ARG A 142 7.64 0.18 16.65
CA ARG A 142 6.36 -0.49 16.49
C ARG A 142 5.69 -0.14 15.17
N LEU A 143 5.14 -1.15 14.50
CA LEU A 143 4.46 -0.94 13.25
C LEU A 143 3.16 -0.22 13.57
N LYS A 144 2.95 0.94 12.95
CA LYS A 144 1.74 1.72 13.19
C LYS A 144 0.87 1.80 11.95
N MET A 145 -0.38 2.21 12.13
CA MET A 145 -1.30 2.37 11.01
C MET A 145 -2.08 3.65 11.28
N LEU A 146 -2.59 4.27 10.22
CA LEU A 146 -3.31 5.52 10.34
C LEU A 146 -4.42 5.57 9.31
N GLU A 147 -5.61 5.94 9.75
CA GLU A 147 -6.73 6.08 8.85
C GLU A 147 -6.57 7.46 8.21
N VAL A 148 -6.29 7.50 6.91
CA VAL A 148 -6.09 8.78 6.24
C VAL A 148 -7.13 9.06 5.17
N PRO A 149 -7.94 10.11 5.38
CA PRO A 149 -9.01 10.54 4.47
C PRO A 149 -8.47 10.91 3.10
N TYR A 150 -9.23 10.56 2.07
CA TYR A 150 -8.86 10.89 0.72
C TYR A 150 -9.05 12.39 0.59
N VAL A 151 -8.07 13.08 0.02
CA VAL A 151 -8.15 14.53 -0.13
C VAL A 151 -8.47 14.93 -1.57
N ASP A 152 -9.44 15.82 -1.71
CA ASP A 152 -9.87 16.33 -3.00
C ASP A 152 -8.66 16.80 -3.81
N ARG A 153 -8.56 16.30 -5.04
CA ARG A 153 -7.44 16.63 -5.91
C ARG A 153 -7.15 18.13 -6.01
N ASN A 154 -8.20 18.92 -6.13
CA ASN A 154 -8.07 20.37 -6.25
C ASN A 154 -7.58 21.02 -4.95
N SER A 155 -8.17 20.63 -3.83
CA SER A 155 -7.76 21.18 -2.56
C SER A 155 -6.32 20.77 -2.29
N CYS A 156 -5.90 19.64 -2.85
CA CYS A 156 -4.54 19.20 -2.66
C CYS A 156 -3.57 19.93 -3.56
N LYS A 157 -3.90 19.99 -4.84
CA LYS A 157 -3.03 20.68 -5.79
C LYS A 157 -2.80 22.10 -5.25
N LEU A 158 -3.84 22.65 -4.63
CA LEU A 158 -3.78 23.99 -4.08
C LEU A 158 -2.89 24.06 -2.84
N SER A 159 -3.08 23.11 -1.94
CA SER A 159 -2.33 23.05 -0.70
C SER A 159 -0.83 22.79 -0.84
N SER A 160 -0.42 22.19 -1.94
CA SER A 160 0.98 21.87 -2.13
C SER A 160 1.86 22.97 -2.71
N SER A 161 3.10 23.02 -2.23
CA SER A 161 4.07 24.01 -2.69
C SER A 161 4.70 23.58 -4.00
N PHE A 162 4.58 22.29 -4.32
CA PHE A 162 5.15 21.76 -5.54
C PHE A 162 4.07 21.09 -6.38
N ILE A 163 4.45 20.70 -7.60
CA ILE A 163 3.51 20.07 -8.53
C ILE A 163 3.00 18.69 -8.13
N ILE A 164 1.69 18.52 -8.21
CA ILE A 164 1.06 17.25 -7.90
C ILE A 164 0.79 16.61 -9.26
N THR A 165 1.72 15.78 -9.71
CA THR A 165 1.60 15.12 -11.00
C THR A 165 0.41 14.20 -11.00
N GLN A 166 0.05 13.72 -12.18
CA GLN A 166 -1.08 12.81 -12.34
C GLN A 166 -0.76 11.45 -11.74
N ASN A 167 0.48 11.24 -11.32
CA ASN A 167 0.89 9.97 -10.73
C ASN A 167 0.90 10.08 -9.21
N MET A 168 0.18 11.08 -8.69
CA MET A 168 0.11 11.29 -7.26
C MET A 168 -1.31 11.62 -6.85
N PHE A 169 -1.62 11.38 -5.59
CA PHE A 169 -2.94 11.69 -5.05
C PHE A 169 -2.69 12.02 -3.60
N CYS A 170 -3.67 12.65 -2.94
CA CYS A 170 -3.47 13.03 -1.55
C CYS A 170 -4.42 12.43 -0.53
N ALA A 171 -3.92 12.28 0.69
CA ALA A 171 -4.66 11.73 1.80
C ALA A 171 -4.06 12.36 3.04
N GLY A 172 -4.85 12.45 4.09
CA GLY A 172 -4.34 13.05 5.30
C GLY A 172 -5.29 14.09 5.87
N TYR A 173 -4.75 14.91 6.76
CA TYR A 173 -5.50 15.95 7.43
C TYR A 173 -4.85 17.31 7.18
N ASP A 174 -5.65 18.36 7.23
CA ASP A 174 -5.13 19.71 7.02
C ASP A 174 -4.50 20.23 8.31
N THR A 175 -5.22 20.05 9.41
CA THR A 175 -4.76 20.50 10.72
C THR A 175 -4.51 19.37 11.70
N LYS A 176 -5.38 18.36 11.69
CA LYS A 176 -5.24 17.21 12.60
C LYS A 176 -3.84 16.63 12.56
N GLN A 177 -3.24 16.42 13.74
CA GLN A 177 -1.87 15.89 13.83
C GLN A 177 -1.75 14.39 13.55
N GLU A 178 -2.04 13.99 12.31
CA GLU A 178 -1.96 12.61 11.88
C GLU A 178 -1.48 12.61 10.44
N ASP A 179 -0.41 11.85 10.16
CA ASP A 179 0.15 11.79 8.80
C ASP A 179 1.29 10.79 8.78
N ALA A 180 1.65 10.34 7.58
CA ALA A 180 2.75 9.42 7.43
C ALA A 180 3.98 10.30 7.65
N CYS A 181 5.17 9.71 7.58
CA CYS A 181 6.38 10.49 7.78
C CYS A 181 7.59 9.70 7.34
N GLN A 182 8.77 10.31 7.40
CA GLN A 182 10.02 9.67 6.98
C GLN A 182 10.16 8.28 7.57
N GLY A 183 10.56 7.34 6.73
CA GLY A 183 10.72 5.97 7.17
C GLY A 183 9.51 5.15 6.76
N ASP A 184 8.41 5.85 6.49
CA ASP A 184 7.18 5.19 6.08
C ASP A 184 7.10 5.04 4.56
N SER A 185 7.88 5.86 3.85
CA SER A 185 7.91 5.85 2.39
C SER A 185 8.09 4.45 1.81
N GLY A 186 7.44 4.18 0.69
CA GLY A 186 7.55 2.86 0.08
C GLY A 186 6.46 2.00 0.70
N GLY A 187 6.08 2.37 1.92
CA GLY A 187 5.06 1.67 2.67
C GLY A 187 3.72 1.55 1.98
N PRO A 188 2.79 0.75 2.53
CA PRO A 188 1.46 0.57 1.92
C PRO A 188 0.35 1.59 2.25
N HIS A 189 -0.49 1.85 1.25
CA HIS A 189 -1.67 2.69 1.43
C HIS A 189 -2.73 1.79 0.86
N VAL A 190 -3.58 1.27 1.72
CA VAL A 190 -4.61 0.35 1.24
C VAL A 190 -5.99 0.91 1.52
N THR A 191 -6.97 0.32 0.86
CA THR A 191 -8.35 0.73 1.05
C THR A 191 -9.19 -0.51 1.28
N ARG A 192 -9.96 -0.48 2.37
CA ARG A 192 -10.78 -1.60 2.71
C ARG A 192 -12.13 -1.52 2.02
N PHE A 193 -12.51 -2.63 1.40
CA PHE A 193 -13.80 -2.74 0.76
C PHE A 193 -14.40 -4.08 1.14
N LYS A 194 -15.42 -4.05 2.00
CA LYS A 194 -16.11 -5.24 2.45
C LYS A 194 -15.19 -6.27 3.11
N ASP A 195 -14.38 -5.82 4.06
CA ASP A 195 -13.50 -6.75 4.76
C ASP A 195 -12.26 -7.20 3.96
N THR A 196 -12.12 -6.69 2.73
CA THR A 196 -10.96 -7.03 1.89
C THR A 196 -10.18 -5.75 1.64
N TYR A 197 -8.88 -5.77 1.88
CA TYR A 197 -8.03 -4.59 1.69
C TYR A 197 -7.29 -4.58 0.34
N PHE A 198 -7.45 -3.48 -0.40
CA PHE A 198 -6.80 -3.31 -1.70
C PHE A 198 -5.73 -2.25 -1.69
N VAL A 199 -4.64 -2.51 -2.39
CA VAL A 199 -3.53 -1.57 -2.45
C VAL A 199 -3.97 -0.37 -3.32
N THR A 200 -3.89 0.83 -2.75
CA THR A 200 -4.31 2.01 -3.47
C THR A 200 -3.27 3.12 -3.55
N GLY A 201 -2.14 2.95 -2.87
CA GLY A 201 -1.10 3.96 -2.93
C GLY A 201 0.21 3.49 -2.36
N ILE A 202 1.21 4.35 -2.45
CA ILE A 202 2.53 4.07 -1.92
C ILE A 202 2.97 5.33 -1.20
N VAL A 203 3.29 5.24 0.09
CA VAL A 203 3.74 6.42 0.82
C VAL A 203 4.88 7.02 0.00
N SER A 204 4.69 8.25 -0.48
CA SER A 204 5.71 8.90 -1.29
C SER A 204 6.45 10.03 -0.59
N TRP A 205 5.77 11.14 -0.40
CA TRP A 205 6.38 12.30 0.25
C TRP A 205 5.34 13.22 0.84
N GLY A 206 5.83 14.35 1.32
CA GLY A 206 4.98 15.36 1.92
C GLY A 206 5.93 16.41 2.44
N GLU A 207 5.44 17.62 2.63
CA GLU A 207 6.28 18.69 3.15
C GLU A 207 6.31 18.56 4.66
N GLY A 208 7.37 17.94 5.16
CA GLY A 208 7.45 17.72 6.60
C GLY A 208 6.45 16.64 6.93
N CYS A 209 5.78 16.75 8.06
CA CYS A 209 4.80 15.74 8.48
C CYS A 209 3.72 16.36 9.35
N ALA A 210 2.48 15.99 9.07
CA ALA A 210 1.33 16.47 9.82
C ALA A 210 1.27 17.99 9.88
N ARG A 211 1.94 18.65 8.93
CA ARG A 211 1.96 20.10 8.87
C ARG A 211 0.59 20.67 8.56
N LYS A 212 0.30 21.83 9.12
CA LYS A 212 -0.97 22.49 8.88
C LYS A 212 -0.97 23.05 7.47
N GLY A 213 -2.03 22.74 6.71
CA GLY A 213 -2.12 23.23 5.35
C GLY A 213 -1.47 22.32 4.32
N LYS A 214 -0.81 21.27 4.80
CA LYS A 214 -0.13 20.30 3.95
C LYS A 214 -0.72 18.91 4.14
N TYR A 215 -0.53 18.05 3.16
CA TYR A 215 -1.03 16.68 3.20
C TYR A 215 0.09 15.68 2.99
N GLY A 216 -0.30 14.43 2.84
CA GLY A 216 0.65 13.37 2.58
C GLY A 216 0.42 13.03 1.13
N ILE A 217 1.49 12.80 0.40
CA ILE A 217 1.37 12.47 -1.02
C ILE A 217 1.70 11.01 -1.27
N TYR A 218 0.86 10.35 -2.05
CA TYR A 218 1.02 8.94 -2.36
C TYR A 218 1.05 8.73 -3.85
N THR A 219 1.77 7.69 -4.28
CA THR A 219 1.85 7.35 -5.67
C THR A 219 0.50 6.77 -6.05
N LYS A 220 -0.05 7.21 -7.17
CA LYS A 220 -1.35 6.70 -7.59
C LYS A 220 -1.14 5.35 -8.21
N VAL A 221 -1.25 4.32 -7.38
CA VAL A 221 -1.07 2.95 -7.81
C VAL A 221 -2.01 2.52 -8.94
N THR A 222 -3.22 3.07 -8.97
CA THR A 222 -4.15 2.68 -10.03
C THR A 222 -3.61 3.09 -11.41
N ALA A 223 -2.68 4.05 -11.43
CA ALA A 223 -2.10 4.51 -12.69
C ALA A 223 -0.97 3.61 -13.17
N PHE A 224 -0.51 2.71 -12.30
CA PHE A 224 0.58 1.80 -12.65
C PHE A 224 0.25 0.32 -12.56
N LEU A 225 -1.04 -0.02 -12.64
CA LEU A 225 -1.45 -1.42 -12.54
C LEU A 225 -1.02 -2.32 -13.69
N LYS A 226 -0.93 -1.76 -14.89
CA LYS A 226 -0.52 -2.53 -16.06
C LYS A 226 1.01 -2.67 -16.00
N TRP A 227 1.66 -1.70 -15.36
CA TRP A 227 3.11 -1.68 -15.19
C TRP A 227 3.49 -2.70 -14.12
N ILE A 228 2.85 -2.60 -12.96
CA ILE A 228 3.09 -3.52 -11.86
C ILE A 228 2.88 -4.89 -12.46
N ASP A 229 1.71 -5.07 -13.07
CA ASP A 229 1.35 -6.32 -13.71
C ASP A 229 2.45 -6.90 -14.59
N ARG A 230 3.07 -6.03 -15.39
CA ARG A 230 4.16 -6.42 -16.29
C ARG A 230 5.40 -6.80 -15.49
N SER A 231 5.79 -5.92 -14.57
CA SER A 231 6.95 -6.14 -13.71
C SER A 231 6.89 -7.45 -12.93
N MET A 232 5.69 -7.96 -12.70
CA MET A 232 5.53 -9.19 -11.95
C MET A 232 5.65 -10.41 -12.85
N LYS A 233 5.74 -10.20 -14.16
CA LYS A 233 5.89 -11.30 -15.10
C LYS A 233 7.25 -11.17 -15.78
N THR A 234 8.25 -10.75 -14.99
CA THR A 234 9.61 -10.57 -15.48
C THR A 234 10.57 -10.64 -14.29
N LYS B 82 -27.57 3.60 -10.68
CA LYS B 82 -27.83 2.35 -11.46
C LYS B 82 -26.62 1.41 -11.51
N LEU B 83 -26.87 0.11 -11.68
CA LEU B 83 -25.82 -0.92 -11.77
C LEU B 83 -24.66 -0.84 -10.78
N CYS B 84 -23.42 -0.88 -11.28
CA CYS B 84 -22.25 -0.83 -10.40
C CYS B 84 -22.24 0.42 -9.53
N SER B 85 -23.11 1.37 -9.84
CA SER B 85 -23.19 2.62 -9.09
C SER B 85 -24.05 2.40 -7.86
N LEU B 86 -24.93 1.41 -7.94
CA LEU B 86 -25.82 1.06 -6.82
C LEU B 86 -25.20 -0.03 -5.95
N ASP B 87 -24.56 0.38 -4.86
CA ASP B 87 -23.89 -0.51 -3.92
C ASP B 87 -22.93 -1.53 -4.56
N ASN B 88 -22.10 -1.05 -5.48
CA ASN B 88 -21.13 -1.90 -6.15
C ASN B 88 -21.76 -3.07 -6.89
N GLY B 89 -23.01 -2.90 -7.28
CA GLY B 89 -23.71 -3.93 -8.04
C GLY B 89 -23.90 -5.23 -7.31
N ASP B 90 -23.72 -5.21 -5.99
CA ASP B 90 -23.88 -6.39 -5.14
C ASP B 90 -22.70 -7.36 -5.29
N CYS B 91 -21.60 -6.85 -5.85
CA CYS B 91 -20.41 -7.65 -6.02
C CYS B 91 -19.55 -7.55 -4.77
N ASP B 92 -18.83 -8.62 -4.46
CA ASP B 92 -17.97 -8.63 -3.31
C ASP B 92 -16.78 -7.73 -3.62
N GLN B 93 -16.31 -7.78 -4.85
CA GLN B 93 -15.16 -6.96 -5.26
C GLN B 93 -15.35 -6.16 -6.53
N PHE B 94 -14.73 -6.59 -7.63
CA PHE B 94 -14.81 -5.88 -8.90
C PHE B 94 -16.15 -5.96 -9.58
N CYS B 95 -16.64 -4.78 -9.99
CA CYS B 95 -17.90 -4.68 -10.67
C CYS B 95 -17.66 -4.09 -12.06
N HIS B 96 -18.28 -4.70 -13.06
CA HIS B 96 -18.18 -4.25 -14.45
C HIS B 96 -19.58 -4.20 -15.05
N GLU B 97 -19.88 -3.11 -15.76
CA GLU B 97 -21.17 -2.98 -16.41
C GLU B 97 -20.96 -3.38 -17.87
N GLU B 98 -21.57 -4.49 -18.30
CA GLU B 98 -21.44 -4.95 -19.67
C GLU B 98 -22.81 -5.16 -20.32
N GLN B 99 -23.11 -4.35 -21.33
CA GLN B 99 -24.37 -4.42 -22.06
C GLN B 99 -25.56 -4.02 -21.19
N ASN B 100 -25.36 -3.02 -20.34
CA ASN B 100 -26.40 -2.52 -19.45
C ASN B 100 -26.75 -3.49 -18.32
N SER B 101 -25.79 -4.35 -17.95
CA SER B 101 -25.98 -5.31 -16.88
C SER B 101 -24.73 -5.32 -16.02
N VAL B 102 -24.79 -5.92 -14.83
CA VAL B 102 -23.61 -5.95 -13.98
C VAL B 102 -22.93 -7.31 -14.05
N VAL B 103 -21.61 -7.30 -14.13
CA VAL B 103 -20.84 -8.52 -14.15
C VAL B 103 -19.79 -8.38 -13.05
N CYS B 104 -19.74 -9.36 -12.14
CA CYS B 104 -18.81 -9.30 -11.03
C CYS B 104 -17.57 -10.14 -11.26
N SER B 105 -16.48 -9.78 -10.59
CA SER B 105 -15.23 -10.50 -10.69
C SER B 105 -14.41 -10.38 -9.39
N CYS B 106 -13.35 -11.16 -9.29
CA CYS B 106 -12.53 -11.16 -8.09
C CYS B 106 -11.03 -11.05 -8.39
N ALA B 107 -10.25 -10.67 -7.38
CA ALA B 107 -8.80 -10.56 -7.56
C ALA B 107 -8.21 -11.96 -7.69
N ARG B 108 -6.90 -12.05 -7.92
CA ARG B 108 -6.29 -13.36 -8.07
C ARG B 108 -6.23 -14.03 -6.70
N GLY B 109 -6.69 -15.28 -6.65
CA GLY B 109 -6.70 -16.01 -5.39
C GLY B 109 -8.13 -16.22 -4.93
N TYR B 110 -9.09 -15.70 -5.68
CA TYR B 110 -10.50 -15.85 -5.35
C TYR B 110 -11.19 -16.40 -6.57
N THR B 111 -12.36 -16.99 -6.38
CA THR B 111 -13.11 -17.49 -7.52
C THR B 111 -14.55 -17.03 -7.32
N LEU B 112 -15.18 -16.58 -8.40
CA LEU B 112 -16.55 -16.10 -8.30
C LEU B 112 -17.47 -17.20 -7.80
N ALA B 113 -18.26 -16.87 -6.78
CA ALA B 113 -19.20 -17.82 -6.19
C ALA B 113 -20.25 -18.22 -7.20
N ASP B 114 -21.05 -19.22 -6.86
CA ASP B 114 -22.10 -19.71 -7.76
C ASP B 114 -23.20 -18.67 -7.97
N ASN B 115 -23.23 -17.61 -7.15
CA ASN B 115 -24.24 -16.58 -7.32
C ASN B 115 -23.72 -15.49 -8.24
N GLY B 116 -22.47 -15.63 -8.68
CA GLY B 116 -21.87 -14.66 -9.58
C GLY B 116 -21.52 -13.32 -8.97
N LYS B 117 -21.50 -13.22 -7.64
CA LYS B 117 -21.18 -11.96 -6.99
C LYS B 117 -20.13 -12.08 -5.90
N ALA B 118 -20.30 -13.07 -5.02
CA ALA B 118 -19.38 -13.27 -3.92
C ALA B 118 -18.03 -13.83 -4.39
N CYS B 119 -16.97 -13.52 -3.64
CA CYS B 119 -15.64 -13.97 -3.98
C CYS B 119 -15.14 -14.97 -2.95
N ILE B 120 -14.78 -16.17 -3.40
CA ILE B 120 -14.30 -17.21 -2.51
C ILE B 120 -12.79 -17.41 -2.58
N PRO B 121 -12.10 -17.35 -1.44
CA PRO B 121 -10.65 -17.54 -1.42
C PRO B 121 -10.28 -18.92 -1.98
N THR B 122 -9.21 -18.99 -2.75
CA THR B 122 -8.80 -20.26 -3.34
C THR B 122 -7.95 -21.10 -2.38
N GLY B 123 -7.31 -20.43 -1.43
CA GLY B 123 -6.48 -21.13 -0.46
C GLY B 123 -6.33 -20.32 0.81
N PRO B 124 -5.38 -20.69 1.68
CA PRO B 124 -5.20 -19.94 2.93
C PRO B 124 -4.44 -18.64 2.65
N TYR B 125 -4.71 -17.63 3.48
CA TYR B 125 -4.05 -16.33 3.31
C TYR B 125 -4.31 -15.65 1.97
N PRO B 126 -5.59 -15.44 1.62
CA PRO B 126 -5.87 -14.77 0.35
C PRO B 126 -5.45 -13.32 0.51
N CYS B 127 -5.31 -12.59 -0.59
CA CYS B 127 -4.90 -11.20 -0.49
C CYS B 127 -5.95 -10.37 0.19
N GLY B 128 -5.52 -9.24 0.75
CA GLY B 128 -6.42 -8.32 1.41
C GLY B 128 -7.17 -8.80 2.63
N LYS B 129 -6.74 -9.90 3.21
CA LYS B 129 -7.41 -10.42 4.41
C LYS B 129 -6.47 -10.35 5.59
N GLN B 130 -6.93 -9.73 6.67
CA GLN B 130 -6.13 -9.65 7.87
C GLN B 130 -6.05 -11.10 8.41
N THR B 131 -4.85 -11.54 8.74
CA THR B 131 -4.67 -12.91 9.20
C THR B 131 -5.32 -13.23 10.55
N LEU B 132 -6.29 -14.15 10.51
CA LEU B 132 -7.03 -14.58 11.69
C LEU B 132 -6.35 -15.74 12.42
N GLU B 133 -5.39 -16.36 11.73
CA GLU B 133 -4.62 -17.47 12.28
C GLU B 133 -3.53 -17.88 11.31
CA CA C . 9.79 -8.47 15.70
C1 FXV D . 10.45 18.94 -3.67
C2 FXV D . 9.49 18.13 -2.97
C3 FXV D . 8.41 17.57 -3.72
C4 FXV D . 8.30 17.80 -5.13
N1 FXV D . 9.22 18.59 -5.79
C6 FXV D . 10.26 19.14 -5.07
C7 FXV D . 9.45 16.35 0.49
C8 FXV D . 9.96 17.40 1.37
C9 FXV D . 10.28 18.68 0.78
C10 FXV D . 10.13 18.93 -0.62
C11 FXV D . 9.63 17.90 -1.50
C12 FXV D . 9.31 16.62 -0.91
C13 FXV D . 10.15 17.24 2.81
N14 FXV D . 10.28 15.95 3.20
C15 FXV D . 10.54 15.57 4.57
C16 FXV D . 11.99 15.08 4.66
C17 FXV D . 9.46 14.50 4.99
C18 FXV D . 9.71 14.07 6.46
O19 FXV D . 9.80 15.15 7.28
C20 FXV D . 9.39 13.24 4.02
C23 FXV D . 6.79 13.01 4.37
C24 FXV D . 5.58 12.18 4.41
C25 FXV D . 5.70 10.76 4.15
C26 FXV D . 6.98 10.17 3.86
C27 FXV D . 8.16 10.99 3.82
C28 FXV D . 8.09 12.42 4.07
C29 FXV D . 4.27 12.77 4.70
N30 FXV D . 3.14 12.18 4.31
N31 FXV D . 4.21 13.92 5.40
O32 FXV D . 9.82 12.94 6.79
O33 FXV D . 10.23 18.19 3.59
C34 FXV D . 10.03 15.00 8.68
O1 FXV D . 9.11 18.81 -7.13
#